data_3BXD
#
_entry.id   3BXD
#
_cell.length_a   44.600
_cell.length_b   77.200
_cell.length_c   85.400
_cell.angle_alpha   90.000
_cell.angle_beta   90.000
_cell.angle_gamma   90.000
#
_symmetry.space_group_name_H-M   'P 21 21 21'
#
loop_
_entity.id
_entity.type
_entity.pdbx_description
1 polymer 'INOSITOL OXYGENASE'
2 non-polymer 'FE (III) ION'
3 non-polymer 'HYDROXIDE ION'
4 non-polymer 1,2,3,4,5,6-HEXAHYDROXY-CYCLOHEXANE
5 non-polymer 'FORMIC ACID'
6 water water
#
_entity_poly.entity_id   1
_entity_poly.type   'polypeptide(L)'
_entity_poly.pdbx_seq_one_letter_code
;GAMGMKVDVGPDPSLVYRPDVDPEMAKSKDSFRNYTSGPLLDRVFTTYKLMHTHQTVDFVSRKRIQYGSFSYKKMTIMEA
VGMLDDLVDESDPDVDFPNSFHAFQTAEGIRKAHPDKDWFHLVGLLHDLGKIMALWGEPQWAVVGDTFPVGCRPQASVVF
CDSTFQDNPDLQDPRYSTELGMYQPHCGLENVLMSWGHDEYLYQMMKFNKFSLPSEAFYMIRFHSFYPWHTGGDYRQLCS
QQDLDMLPWVQEFNKFDLYTKCPDLPDVESLRPYYQGLIDKYCPGTLSW
;
_entity_poly.pdbx_strand_id   A
#
loop_
_chem_comp.id
_chem_comp.type
_chem_comp.name
_chem_comp.formula
FE non-polymer 'FE (III) ION' 'Fe 3'
FMT non-polymer 'FORMIC ACID' 'C H2 O2'
INS non-polymer 1,2,3,4,5,6-HEXAHYDROXY-CYCLOHEXANE 'C6 H12 O6'
OH non-polymer 'HYDROXIDE ION' 'H O -1'
#
# COMPACT_ATOMS: atom_id res chain seq x y z
N PHE A 32 -9.53 4.07 -16.06
CA PHE A 32 -8.74 3.90 -14.86
C PHE A 32 -9.41 2.97 -13.86
N ARG A 33 -8.66 1.99 -13.37
CA ARG A 33 -9.16 1.14 -12.30
C ARG A 33 -10.36 0.36 -12.79
N ASN A 34 -10.25 -0.21 -13.99
CA ASN A 34 -11.34 -0.93 -14.61
C ASN A 34 -11.20 -2.43 -14.36
N TYR A 35 -12.15 -2.99 -13.61
CA TYR A 35 -12.11 -4.40 -13.25
C TYR A 35 -13.20 -5.20 -13.95
N THR A 36 -13.85 -4.55 -14.91
CA THR A 36 -14.83 -5.22 -15.77
C THR A 36 -14.25 -5.39 -17.16
N SER A 37 -13.23 -4.59 -17.46
CA SER A 37 -12.57 -4.61 -18.76
C SER A 37 -11.10 -4.25 -18.62
N GLY A 38 -10.33 -4.47 -19.69
CA GLY A 38 -8.92 -4.11 -19.71
C GLY A 38 -8.05 -5.26 -20.19
N PRO A 39 -6.86 -4.93 -20.72
CA PRO A 39 -5.92 -5.90 -21.28
C PRO A 39 -5.09 -6.62 -20.21
N LEU A 40 -5.15 -6.13 -18.98
CA LEU A 40 -4.38 -6.71 -17.88
C LEU A 40 -5.30 -7.45 -16.92
N LEU A 41 -6.60 -7.41 -17.19
CA LEU A 41 -7.59 -7.93 -16.25
C LEU A 41 -7.33 -9.39 -15.88
N ASP A 42 -6.71 -10.13 -16.79
CA ASP A 42 -6.47 -11.56 -16.57
C ASP A 42 -5.53 -11.81 -15.39
N ARG A 43 -4.41 -11.10 -15.36
CA ARG A 43 -3.42 -11.30 -14.31
C ARG A 43 -3.81 -10.61 -12.99
N VAL A 44 -4.73 -9.65 -13.06
CA VAL A 44 -5.16 -8.95 -11.85
C VAL A 44 -6.25 -9.73 -11.12
N PHE A 45 -7.11 -10.42 -11.86
CA PHE A 45 -8.13 -11.24 -11.20
C PHE A 45 -7.45 -12.42 -10.53
N THR A 46 -6.51 -13.04 -11.23
CA THR A 46 -5.79 -14.18 -10.71
C THR A 46 -5.15 -13.79 -9.39
N THR A 47 -4.56 -12.61 -9.36
CA THR A 47 -3.79 -12.16 -8.16
C THR A 47 -4.62 -11.75 -6.93
N TYR A 48 -5.88 -11.39 -7.12
CA TYR A 48 -6.72 -10.94 -5.99
C TYR A 48 -7.50 -12.11 -5.42
N LYS A 49 -7.77 -13.06 -6.30
CA LYS A 49 -8.47 -14.29 -5.96
C LYS A 49 -7.56 -15.15 -5.13
N LEU A 50 -6.27 -15.09 -5.44
CA LEU A 50 -5.30 -15.90 -4.74
C LEU A 50 -4.93 -15.23 -3.38
N MET A 51 -5.08 -13.92 -3.28
CA MET A 51 -4.62 -13.18 -2.04
C MET A 51 -5.72 -13.10 -0.98
N HIS A 52 -6.94 -12.99 -1.48
CA HIS A 52 -8.18 -13.15 -0.76
C HIS A 52 -8.29 -14.57 -0.25
N THR A 53 -8.13 -15.53 -1.16
CA THR A 53 -8.16 -16.91 -0.73
C THR A 53 -7.04 -17.32 0.22
N HIS A 54 -6.14 -16.41 0.57
CA HIS A 54 -5.07 -16.83 1.44
C HIS A 54 -4.62 -15.79 2.51
N GLN A 55 -5.18 -14.58 2.51
CA GLN A 55 -4.84 -13.54 3.53
C GLN A 55 -5.71 -13.80 4.74
N THR A 56 -5.18 -14.53 5.69
CA THR A 56 -5.97 -14.95 6.83
C THR A 56 -5.35 -14.26 8.04
N VAL A 57 -6.01 -14.32 9.20
CA VAL A 57 -5.47 -13.67 10.41
C VAL A 57 -4.10 -14.25 10.81
N ASP A 58 -3.95 -15.56 10.68
CA ASP A 58 -2.69 -16.21 11.05
C ASP A 58 -1.53 -15.72 10.18
N PHE A 59 -1.78 -15.65 8.90
CA PHE A 59 -0.81 -15.26 7.88
C PHE A 59 -0.30 -13.87 8.09
N VAL A 60 -1.23 -12.92 8.14
CA VAL A 60 -0.87 -11.55 8.45
C VAL A 60 -0.11 -11.50 9.77
N SER A 61 -0.49 -12.35 10.73
CA SER A 61 0.14 -12.29 12.06
C SER A 61 1.60 -12.78 12.02
N ARG A 62 1.85 -13.76 11.19
CA ARG A 62 3.18 -14.30 10.99
C ARG A 62 4.06 -13.31 10.24
N LYS A 63 3.52 -12.72 9.18
CA LYS A 63 4.29 -11.84 8.31
C LYS A 63 4.67 -10.56 9.06
N ARG A 64 3.77 -10.08 9.91
CA ARG A 64 4.08 -8.91 10.70
C ARG A 64 5.36 -9.16 11.52
N ILE A 65 5.50 -10.37 12.04
CA ILE A 65 6.71 -10.74 12.78
C ILE A 65 7.89 -10.91 11.85
N GLN A 66 7.67 -11.61 10.74
CA GLN A 66 8.73 -11.93 9.80
C GLN A 66 9.45 -10.70 9.27
N TYR A 67 8.72 -9.59 9.16
CA TYR A 67 9.28 -8.37 8.58
C TYR A 67 9.43 -7.23 9.58
N GLY A 68 8.90 -7.41 10.79
CA GLY A 68 8.83 -6.34 11.78
C GLY A 68 10.17 -5.96 12.42
N SER A 69 11.21 -6.71 12.14
CA SER A 69 12.52 -6.42 12.71
C SER A 69 13.42 -5.69 11.71
N PHE A 70 12.95 -5.59 10.47
CA PHE A 70 13.70 -4.92 9.41
C PHE A 70 15.19 -5.26 9.50
N SER A 71 15.45 -6.53 9.26
CA SER A 71 16.80 -7.08 9.31
C SER A 71 17.10 -7.85 8.03
N TYR A 72 16.34 -7.59 6.99
CA TYR A 72 16.61 -8.20 5.69
C TYR A 72 17.79 -7.51 5.00
N LYS A 73 17.71 -6.19 4.85
CA LYS A 73 18.72 -5.48 4.08
C LYS A 73 18.95 -4.07 4.59
N LYS A 74 20.13 -3.54 4.33
CA LYS A 74 20.38 -2.13 4.55
C LYS A 74 20.62 -1.44 3.21
N MET A 75 19.98 -0.29 3.06
CA MET A 75 19.89 0.43 1.79
C MET A 75 19.51 1.87 2.03
N THR A 76 19.85 2.74 1.09
CA THR A 76 19.27 4.08 1.05
C THR A 76 17.93 4.05 0.32
N ILE A 77 17.17 5.15 0.43
CA ILE A 77 15.93 5.27 -0.31
C ILE A 77 16.16 5.04 -1.81
N MET A 78 17.14 5.72 -2.39
CA MET A 78 17.38 5.61 -3.82
C MET A 78 17.81 4.21 -4.24
N GLU A 79 18.60 3.54 -3.41
CA GLU A 79 18.91 2.13 -3.62
C GLU A 79 17.60 1.33 -3.73
N ALA A 80 16.72 1.53 -2.76
CA ALA A 80 15.45 0.81 -2.73
C ALA A 80 14.58 1.12 -3.95
N VAL A 81 14.56 2.39 -4.37
CA VAL A 81 13.82 2.82 -5.54
C VAL A 81 14.35 2.11 -6.78
N GLY A 82 15.67 2.02 -6.85
CA GLY A 82 16.33 1.39 -7.98
C GLY A 82 16.11 -0.10 -8.01
N MET A 83 15.91 -0.70 -6.84
CA MET A 83 15.58 -2.12 -6.76
C MET A 83 14.28 -2.36 -7.51
N LEU A 84 13.36 -1.39 -7.42
CA LEU A 84 12.07 -1.51 -8.09
C LEU A 84 12.17 -1.21 -9.59
N ASP A 85 13.40 -0.98 -10.06
CA ASP A 85 13.67 -1.01 -11.50
C ASP A 85 13.39 -2.42 -11.99
N ASP A 86 13.52 -3.39 -11.08
CA ASP A 86 13.40 -4.81 -11.42
C ASP A 86 12.04 -5.40 -11.05
N LEU A 87 11.00 -4.56 -10.94
CA LEU A 87 9.69 -5.04 -10.48
C LEU A 87 8.51 -4.43 -11.24
N VAL A 88 7.56 -5.28 -11.61
CA VAL A 88 6.28 -4.83 -12.15
C VAL A 88 5.16 -5.35 -11.25
N ASP A 89 4.12 -4.54 -11.08
CA ASP A 89 3.03 -4.87 -10.17
C ASP A 89 1.92 -5.63 -10.92
N GLU A 90 1.59 -6.82 -10.41
CA GLU A 90 0.70 -7.75 -11.11
C GLU A 90 -0.78 -7.53 -10.78
N SER A 91 -1.06 -6.67 -9.80
CA SER A 91 -2.42 -6.33 -9.44
C SER A 91 -2.93 -5.06 -10.12
N ASP A 92 -2.01 -4.27 -10.68
CA ASP A 92 -2.36 -2.97 -11.26
C ASP A 92 -2.82 -3.12 -12.71
N PRO A 93 -4.09 -2.74 -12.99
CA PRO A 93 -4.64 -2.83 -14.35
C PRO A 93 -4.21 -1.67 -15.25
N ASP A 94 -3.42 -0.75 -14.70
CA ASP A 94 -3.07 0.48 -15.39
C ASP A 94 -1.57 0.61 -15.67
N VAL A 95 -0.79 -0.37 -15.20
CA VAL A 95 0.66 -0.27 -15.29
C VAL A 95 1.29 -1.58 -15.77
N ASP A 96 2.27 -1.44 -16.67
CA ASP A 96 3.03 -2.60 -17.14
C ASP A 96 4.47 -2.17 -17.40
N PHE A 97 5.02 -1.42 -16.45
CA PHE A 97 6.41 -1.00 -16.52
C PHE A 97 7.01 -1.00 -15.11
N PRO A 98 8.35 -0.97 -15.01
CA PRO A 98 8.99 -0.99 -13.69
C PRO A 98 8.33 0.01 -12.75
N ASN A 99 8.13 -0.42 -11.50
CA ASN A 99 7.35 0.36 -10.55
C ASN A 99 8.14 1.55 -10.04
N SER A 100 9.45 1.51 -10.23
CA SER A 100 10.32 2.62 -9.86
C SER A 100 9.83 3.89 -10.55
N PHE A 101 9.51 3.78 -11.83
CA PHE A 101 9.05 4.94 -12.59
C PHE A 101 7.78 5.51 -11.96
N HIS A 102 6.84 4.63 -11.60
CA HIS A 102 5.59 5.05 -10.99
C HIS A 102 5.84 5.87 -9.73
N ALA A 103 6.88 5.53 -8.98
CA ALA A 103 7.25 6.29 -7.80
C ALA A 103 7.54 7.76 -8.17
N PHE A 104 8.30 7.97 -9.24
CA PHE A 104 8.68 9.32 -9.66
C PHE A 104 7.50 10.08 -10.24
N GLN A 105 6.62 9.37 -10.92
CA GLN A 105 5.45 9.99 -11.52
C GLN A 105 4.52 10.50 -10.43
N THR A 106 4.39 9.74 -9.35
CA THR A 106 3.49 10.08 -8.26
C THR A 106 4.04 11.28 -7.50
N ALA A 107 5.34 11.23 -7.20
CA ALA A 107 6.01 12.32 -6.54
C ALA A 107 5.89 13.61 -7.35
N GLU A 108 5.95 13.49 -8.68
CA GLU A 108 5.93 14.66 -9.56
C GLU A 108 4.56 15.28 -9.59
N GLY A 109 3.53 14.45 -9.66
CA GLY A 109 2.15 14.92 -9.66
C GLY A 109 1.89 15.70 -8.39
N ILE A 110 2.29 15.13 -7.28
CA ILE A 110 2.10 15.78 -5.99
C ILE A 110 2.86 17.10 -5.93
N ARG A 111 4.10 17.09 -6.39
CA ARG A 111 4.96 18.27 -6.32
C ARG A 111 4.38 19.46 -7.08
N LYS A 112 3.82 19.18 -8.26
CA LYS A 112 3.25 20.24 -9.08
C LYS A 112 1.96 20.80 -8.49
N ALA A 113 1.21 19.96 -7.76
CA ALA A 113 -0.06 20.42 -7.18
C ALA A 113 0.10 20.99 -5.77
N HIS A 114 1.16 20.61 -5.08
CA HIS A 114 1.36 21.00 -3.68
C HIS A 114 2.79 21.44 -3.45
N PRO A 115 3.21 22.52 -4.12
CA PRO A 115 4.60 23.01 -4.08
C PRO A 115 5.07 23.32 -2.66
N ASP A 116 4.15 23.80 -1.82
CA ASP A 116 4.47 24.18 -0.45
C ASP A 116 4.65 23.01 0.54
N LYS A 117 4.45 21.77 0.08
CA LYS A 117 4.53 20.61 0.97
C LYS A 117 5.52 19.57 0.48
N ASP A 118 6.80 19.83 0.68
CA ASP A 118 7.85 18.96 0.14
C ASP A 118 7.76 17.55 0.70
N TRP A 119 7.43 17.42 1.99
CA TRP A 119 7.28 16.12 2.62
C TRP A 119 6.27 15.27 1.88
N PHE A 120 5.26 15.91 1.30
CA PHE A 120 4.19 15.24 0.57
C PHE A 120 4.71 14.76 -0.79
N HIS A 121 5.63 15.54 -1.38
CA HIS A 121 6.32 15.10 -2.60
C HIS A 121 7.05 13.80 -2.36
N LEU A 122 7.74 13.72 -1.22
CA LEU A 122 8.52 12.56 -0.85
C LEU A 122 7.60 11.36 -0.63
N VAL A 123 6.51 11.56 0.10
CA VAL A 123 5.54 10.49 0.31
C VAL A 123 5.24 9.82 -1.04
N GLY A 124 5.08 10.62 -2.09
CA GLY A 124 4.85 10.07 -3.43
C GLY A 124 5.92 9.10 -3.88
N LEU A 125 7.18 9.51 -3.73
CA LEU A 125 8.30 8.66 -4.10
C LEU A 125 8.38 7.41 -3.22
N LEU A 126 8.05 7.55 -1.94
CA LEU A 126 8.26 6.51 -0.94
C LEU A 126 7.19 5.44 -0.88
N HIS A 127 5.97 5.81 -1.27
CA HIS A 127 4.77 5.07 -0.82
C HIS A 127 4.74 3.59 -1.19
N ASP A 128 5.36 3.23 -2.31
CA ASP A 128 5.32 1.85 -2.79
C ASP A 128 6.64 1.07 -2.60
N LEU A 129 7.52 1.57 -1.75
CA LEU A 129 8.83 0.95 -1.61
C LEU A 129 8.75 -0.40 -0.89
N GLY A 130 7.64 -0.63 -0.20
CA GLY A 130 7.40 -1.90 0.47
C GLY A 130 7.32 -3.10 -0.46
N LYS A 131 7.13 -2.83 -1.75
CA LYS A 131 7.03 -3.89 -2.75
C LYS A 131 8.37 -4.56 -3.03
N ILE A 132 9.43 -4.12 -2.36
CA ILE A 132 10.71 -4.79 -2.46
C ILE A 132 10.57 -6.24 -1.95
N MET A 133 9.53 -6.49 -1.14
CA MET A 133 9.30 -7.84 -0.61
C MET A 133 9.13 -8.88 -1.74
N ALA A 134 8.60 -8.44 -2.88
CA ALA A 134 8.35 -9.33 -4.00
C ALA A 134 9.65 -9.83 -4.62
N LEU A 135 10.70 -9.03 -4.51
CA LEU A 135 12.02 -9.41 -5.01
C LEU A 135 12.70 -10.35 -4.02
N TRP A 136 12.20 -10.36 -2.79
CA TRP A 136 12.75 -11.23 -1.75
C TRP A 136 12.03 -12.57 -1.67
N GLY A 137 11.32 -12.93 -2.73
CA GLY A 137 10.67 -14.24 -2.79
C GLY A 137 9.22 -14.32 -2.34
N GLU A 138 8.63 -13.20 -1.94
CA GLU A 138 7.21 -13.19 -1.57
C GLU A 138 6.33 -13.23 -2.80
N PRO A 139 5.25 -14.04 -2.76
CA PRO A 139 4.29 -14.00 -3.85
C PRO A 139 3.65 -12.62 -3.86
N GLN A 140 3.33 -12.09 -5.04
CA GLN A 140 2.88 -10.71 -5.12
C GLN A 140 1.54 -10.52 -4.41
N TRP A 141 0.75 -11.57 -4.26
CA TRP A 141 -0.53 -11.42 -3.60
C TRP A 141 -0.34 -11.11 -2.11
N ALA A 142 0.88 -11.34 -1.62
CA ALA A 142 1.25 -11.00 -0.25
C ALA A 142 2.09 -9.70 -0.17
N VAL A 143 2.08 -8.91 -1.24
CA VAL A 143 2.93 -7.74 -1.35
C VAL A 143 2.18 -6.52 -1.91
N VAL A 144 1.48 -6.73 -3.02
CA VAL A 144 0.78 -5.67 -3.72
C VAL A 144 -0.74 -5.84 -3.64
N GLY A 145 -1.44 -4.83 -4.15
CA GLY A 145 -2.88 -4.90 -4.31
C GLY A 145 -3.67 -4.14 -3.27
N ASP A 146 -4.97 -4.00 -3.52
CA ASP A 146 -5.88 -3.43 -2.56
C ASP A 146 -5.87 -4.25 -1.28
N THR A 147 -6.03 -3.57 -0.16
CA THR A 147 -6.03 -4.22 1.13
C THR A 147 -7.45 -4.25 1.70
N PHE A 148 -7.62 -5.10 2.71
CA PHE A 148 -8.88 -5.26 3.39
C PHE A 148 -8.55 -5.84 4.76
N PRO A 149 -9.39 -5.57 5.75
CA PRO A 149 -9.11 -6.14 7.07
C PRO A 149 -9.35 -7.64 7.10
N VAL A 150 -8.39 -8.41 7.60
CA VAL A 150 -8.65 -9.81 7.92
C VAL A 150 -9.31 -9.91 9.31
N GLY A 151 -9.93 -11.04 9.61
CA GLY A 151 -10.59 -11.22 10.89
C GLY A 151 -12.03 -10.73 10.90
N CYS A 152 -12.53 -10.33 9.75
CA CYS A 152 -13.94 -9.96 9.65
C CYS A 152 -14.41 -10.09 8.22
N ARG A 153 -15.73 -10.17 8.06
CA ARG A 153 -16.34 -10.42 6.77
C ARG A 153 -15.96 -9.36 5.76
N PRO A 154 -15.56 -9.79 4.56
CA PRO A 154 -15.25 -8.87 3.45
C PRO A 154 -16.50 -8.10 3.03
N GLN A 155 -16.38 -6.79 2.85
CA GLN A 155 -17.53 -5.98 2.48
C GLN A 155 -17.58 -5.77 0.96
N ALA A 156 -18.68 -5.21 0.48
CA ALA A 156 -19.04 -5.28 -0.94
C ALA A 156 -18.07 -4.59 -1.89
N SER A 157 -17.39 -3.55 -1.42
CA SER A 157 -16.51 -2.77 -2.28
C SER A 157 -15.12 -3.39 -2.44
N VAL A 158 -14.91 -4.55 -1.83
CA VAL A 158 -13.67 -5.30 -2.02
C VAL A 158 -13.62 -5.88 -3.43
N VAL A 159 -12.55 -5.59 -4.15
CA VAL A 159 -12.42 -6.03 -5.53
C VAL A 159 -12.66 -7.53 -5.68
N PHE A 160 -13.72 -7.89 -6.39
CA PHE A 160 -14.05 -9.28 -6.66
C PHE A 160 -14.54 -10.04 -5.43
N CYS A 161 -15.18 -9.33 -4.51
CA CYS A 161 -15.57 -9.91 -3.23
C CYS A 161 -16.45 -11.15 -3.40
N ASP A 162 -17.32 -11.12 -4.40
CA ASP A 162 -18.35 -12.13 -4.55
C ASP A 162 -17.83 -13.45 -5.13
N SER A 163 -16.60 -13.44 -5.64
CA SER A 163 -16.11 -14.57 -6.43
C SER A 163 -14.70 -15.06 -6.07
N THR A 164 -14.12 -14.58 -4.98
CA THR A 164 -12.73 -14.90 -4.67
C THR A 164 -12.43 -15.21 -3.21
N PHE A 165 -13.47 -15.34 -2.39
CA PHE A 165 -13.28 -15.53 -0.95
C PHE A 165 -13.77 -16.89 -0.47
N GLN A 166 -14.29 -17.69 -1.40
CA GLN A 166 -14.94 -18.95 -1.04
C GLN A 166 -13.97 -19.98 -0.46
N ASP A 167 -12.69 -19.88 -0.83
CA ASP A 167 -11.69 -20.86 -0.39
C ASP A 167 -10.86 -20.36 0.80
N ASN A 168 -11.22 -19.20 1.33
CA ASN A 168 -10.54 -18.64 2.50
C ASN A 168 -11.03 -19.28 3.81
N PRO A 169 -10.12 -19.94 4.55
CA PRO A 169 -10.50 -20.70 5.75
C PRO A 169 -11.11 -19.83 6.86
N ASP A 170 -10.69 -18.57 6.94
CA ASP A 170 -11.17 -17.65 7.97
C ASP A 170 -12.69 -17.48 7.95
N LEU A 171 -13.27 -17.57 6.76
CA LEU A 171 -14.70 -17.35 6.60
C LEU A 171 -15.50 -18.52 7.17
N GLN A 172 -14.86 -19.68 7.24
CA GLN A 172 -15.48 -20.86 7.85
C GLN A 172 -15.41 -20.77 9.36
N ASP A 173 -14.69 -19.76 9.85
CA ASP A 173 -14.42 -19.62 11.26
C ASP A 173 -15.37 -18.61 11.86
N PRO A 174 -16.22 -19.04 12.81
CA PRO A 174 -17.25 -18.16 13.38
C PRO A 174 -16.65 -16.94 14.06
N ARG A 175 -15.37 -17.03 14.42
CA ARG A 175 -14.66 -15.91 15.01
C ARG A 175 -14.51 -14.74 14.04
N TYR A 176 -14.44 -15.04 12.75
CA TYR A 176 -14.11 -14.01 11.74
C TYR A 176 -15.16 -13.83 10.65
N SER A 177 -16.24 -14.61 10.69
CA SER A 177 -17.21 -14.61 9.60
C SER A 177 -18.24 -13.48 9.70
N THR A 178 -18.31 -12.83 10.86
CA THR A 178 -19.31 -11.79 11.10
C THR A 178 -18.84 -10.42 10.64
N GLU A 179 -19.72 -9.43 10.75
CA GLU A 179 -19.45 -8.08 10.30
C GLU A 179 -18.26 -7.47 11.02
N LEU A 180 -18.27 -7.53 12.35
CA LEU A 180 -17.18 -6.99 13.15
C LEU A 180 -16.07 -8.01 13.37
N GLY A 181 -16.42 -9.29 13.26
CA GLY A 181 -15.44 -10.36 13.45
C GLY A 181 -14.77 -10.28 14.79
N MET A 182 -13.45 -10.16 14.81
CA MET A 182 -12.69 -10.15 16.05
C MET A 182 -12.57 -8.73 16.63
N TYR A 183 -13.21 -7.77 15.98
CA TYR A 183 -13.02 -6.35 16.32
C TYR A 183 -14.19 -5.78 17.11
N GLN A 184 -13.88 -4.83 17.99
CA GLN A 184 -14.91 -3.98 18.60
C GLN A 184 -15.22 -2.84 17.63
N PRO A 185 -16.43 -2.28 17.72
CA PRO A 185 -16.82 -1.19 16.83
C PRO A 185 -15.96 0.06 17.03
N HIS A 186 -15.51 0.65 15.93
CA HIS A 186 -14.78 1.91 15.96
C HIS A 186 -13.50 1.79 16.78
N CYS A 187 -12.91 0.59 16.74
CA CYS A 187 -11.64 0.34 17.40
C CYS A 187 -10.54 1.22 16.84
N GLY A 188 -10.75 1.74 15.65
CA GLY A 188 -9.72 2.51 14.96
C GLY A 188 -8.90 1.61 14.06
N LEU A 189 -8.59 2.08 12.86
CA LEU A 189 -7.91 1.27 11.85
C LEU A 189 -6.49 0.88 12.27
N GLU A 190 -5.91 1.64 13.19
CA GLU A 190 -4.57 1.36 13.67
C GLU A 190 -4.57 0.12 14.57
N ASN A 191 -5.77 -0.27 15.03
CA ASN A 191 -5.96 -1.49 15.81
C ASN A 191 -6.57 -2.62 15.00
N VAL A 192 -6.58 -2.48 13.69
CA VAL A 192 -7.11 -3.49 12.79
C VAL A 192 -5.95 -4.25 12.10
N LEU A 193 -6.12 -5.56 11.93
CA LEU A 193 -5.17 -6.35 11.15
C LEU A 193 -5.55 -6.29 9.68
N MET A 194 -4.76 -5.56 8.91
CA MET A 194 -4.98 -5.45 7.47
C MET A 194 -4.31 -6.61 6.75
N SER A 195 -4.86 -6.99 5.60
CA SER A 195 -4.19 -7.96 4.75
C SER A 195 -2.75 -7.49 4.52
N TRP A 196 -1.80 -8.42 4.64
CA TRP A 196 -0.38 -8.08 4.59
C TRP A 196 0.14 -7.65 3.23
N GLY A 197 0.86 -6.54 3.21
CA GLY A 197 1.41 -5.98 1.99
C GLY A 197 2.31 -4.79 2.23
N HIS A 198 2.62 -4.10 1.15
CA HIS A 198 3.57 -3.00 1.17
C HIS A 198 3.18 -1.84 2.08
N ASP A 199 1.87 -1.65 2.29
CA ASP A 199 1.38 -0.54 3.11
C ASP A 199 1.91 -0.66 4.51
N GLU A 200 1.53 -1.76 5.16
CA GLU A 200 1.86 -1.98 6.56
C GLU A 200 3.36 -2.19 6.72
N TYR A 201 4.00 -2.85 5.75
CA TYR A 201 5.45 -3.02 5.81
C TYR A 201 6.13 -1.67 5.85
N LEU A 202 5.81 -0.82 4.88
CA LEU A 202 6.46 0.49 4.78
C LEU A 202 6.13 1.36 6.00
N TYR A 203 4.90 1.30 6.48
CA TYR A 203 4.53 2.08 7.64
C TYR A 203 5.40 1.73 8.84
N GLN A 204 5.53 0.43 9.12
CA GLN A 204 6.31 -0.02 10.26
C GLN A 204 7.79 0.27 10.01
N MET A 205 8.22 0.13 8.77
CA MET A 205 9.60 0.45 8.42
C MET A 205 9.96 1.89 8.82
N MET A 206 9.12 2.85 8.42
CA MET A 206 9.37 4.26 8.66
C MET A 206 9.35 4.60 10.15
N LYS A 207 8.50 3.93 10.93
CA LYS A 207 8.48 4.10 12.37
C LYS A 207 9.80 3.60 12.97
N PHE A 208 10.24 2.42 12.54
CA PHE A 208 11.45 1.79 13.05
C PHE A 208 12.68 2.68 12.77
N ASN A 209 12.73 3.25 11.57
CA ASN A 209 13.84 4.12 11.17
C ASN A 209 13.65 5.57 11.62
N LYS A 210 12.47 5.88 12.15
CA LYS A 210 12.18 7.20 12.68
C LYS A 210 12.27 8.29 11.60
N PHE A 211 11.63 8.07 10.46
CA PHE A 211 11.45 9.11 9.47
C PHE A 211 10.88 10.34 10.16
N SER A 212 11.31 11.52 9.75
CA SER A 212 10.84 12.74 10.40
C SER A 212 9.76 13.42 9.58
N LEU A 213 8.81 12.62 9.08
CA LEU A 213 7.67 13.14 8.35
C LEU A 213 6.53 13.41 9.32
N PRO A 214 5.57 14.25 8.92
CA PRO A 214 4.36 14.48 9.72
C PRO A 214 3.52 13.21 9.84
N SER A 215 2.72 13.14 10.91
CA SER A 215 1.83 12.02 11.16
C SER A 215 0.99 11.67 9.95
N GLU A 216 0.56 12.69 9.22
CA GLU A 216 -0.30 12.50 8.07
C GLU A 216 0.37 11.62 7.03
N ALA A 217 1.68 11.78 6.87
CA ALA A 217 2.46 11.02 5.89
C ALA A 217 2.43 9.52 6.21
N PHE A 218 2.71 9.19 7.46
CA PHE A 218 2.74 7.81 7.91
C PHE A 218 1.38 7.18 7.68
N TYR A 219 0.34 7.93 7.98
CA TYR A 219 -1.01 7.41 7.91
C TYR A 219 -1.43 7.15 6.44
N MET A 220 -1.10 8.09 5.55
CA MET A 220 -1.45 7.97 4.14
C MET A 220 -0.82 6.73 3.53
N ILE A 221 0.44 6.50 3.86
CA ILE A 221 1.16 5.35 3.34
C ILE A 221 0.56 4.06 3.88
N ARG A 222 0.24 4.06 5.17
CA ARG A 222 -0.23 2.84 5.84
C ARG A 222 -1.57 2.37 5.31
N PHE A 223 -2.37 3.28 4.76
CA PHE A 223 -3.72 2.93 4.31
C PHE A 223 -4.04 3.29 2.87
N HIS A 224 -3.02 3.63 2.08
CA HIS A 224 -3.24 4.12 0.72
C HIS A 224 -3.82 3.05 -0.20
N SER A 225 -3.64 1.80 0.16
CA SER A 225 -4.16 0.67 -0.62
C SER A 225 -5.58 0.27 -0.21
N PHE A 226 -6.09 0.89 0.84
CA PHE A 226 -7.33 0.45 1.46
C PHE A 226 -8.55 1.05 0.74
N TYR A 227 -8.73 0.67 -0.52
CA TYR A 227 -9.71 1.27 -1.39
C TYR A 227 -11.13 1.12 -0.86
N PRO A 228 -11.49 -0.08 -0.40
CA PRO A 228 -12.85 -0.23 0.14
C PRO A 228 -13.17 0.88 1.12
N TRP A 229 -12.18 1.30 1.90
CA TRP A 229 -12.37 2.37 2.88
C TRP A 229 -12.33 3.79 2.28
N HIS A 230 -11.20 4.19 1.70
CA HIS A 230 -11.09 5.59 1.27
C HIS A 230 -11.87 5.91 -0.01
N THR A 231 -12.35 4.89 -0.71
CA THR A 231 -13.10 5.11 -1.95
C THR A 231 -14.47 4.42 -1.89
N GLY A 232 -14.49 3.15 -1.50
CA GLY A 232 -15.70 2.35 -1.55
C GLY A 232 -16.72 2.67 -0.47
N GLY A 233 -16.32 3.46 0.52
CA GLY A 233 -17.24 3.89 1.56
C GLY A 233 -17.48 2.87 2.66
N ASP A 234 -16.74 1.77 2.62
CA ASP A 234 -16.96 0.66 3.54
C ASP A 234 -16.10 0.71 4.80
N TYR A 235 -16.37 -0.23 5.71
CA TYR A 235 -15.56 -0.48 6.90
C TYR A 235 -15.58 0.65 7.91
N ARG A 236 -16.62 1.47 7.86
CA ARG A 236 -16.78 2.57 8.80
C ARG A 236 -17.09 2.05 10.19
N GLN A 237 -17.47 0.77 10.27
CA GLN A 237 -17.76 0.14 11.56
C GLN A 237 -16.49 -0.04 12.37
N LEU A 238 -15.33 0.07 11.71
CA LEU A 238 -14.04 -0.10 12.37
C LEU A 238 -13.34 1.23 12.58
N CYS A 239 -13.79 2.26 11.89
CA CYS A 239 -13.11 3.54 11.92
C CYS A 239 -13.39 4.34 13.18
N SER A 240 -12.37 5.05 13.65
CA SER A 240 -12.52 6.01 14.73
C SER A 240 -12.73 7.37 14.08
N GLN A 241 -13.01 8.38 14.89
CA GLN A 241 -13.17 9.73 14.37
C GLN A 241 -11.85 10.25 13.82
N GLN A 242 -10.75 9.80 14.43
CA GLN A 242 -9.41 10.12 13.94
C GLN A 242 -9.23 9.66 12.48
N ASP A 243 -9.72 8.47 12.18
CA ASP A 243 -9.58 7.89 10.84
C ASP A 243 -10.37 8.71 9.82
N LEU A 244 -11.58 9.09 10.20
CA LEU A 244 -12.46 9.87 9.35
C LEU A 244 -11.81 11.20 9.01
N ASP A 245 -11.18 11.82 10.01
CA ASP A 245 -10.51 13.10 9.83
C ASP A 245 -9.33 12.99 8.85
N MET A 246 -8.77 11.79 8.72
CA MET A 246 -7.64 11.57 7.83
C MET A 246 -8.09 11.24 6.41
N LEU A 247 -9.35 10.90 6.26
CA LEU A 247 -9.89 10.49 4.96
C LEU A 247 -9.52 11.42 3.79
N PRO A 248 -9.68 12.75 3.98
CA PRO A 248 -9.37 13.70 2.91
C PRO A 248 -7.90 13.67 2.46
N TRP A 249 -7.00 13.50 3.42
CA TRP A 249 -5.57 13.36 3.12
C TRP A 249 -5.28 12.11 2.32
N VAL A 250 -5.89 11.00 2.68
CA VAL A 250 -5.68 9.75 1.96
C VAL A 250 -6.25 9.83 0.55
N GLN A 251 -7.39 10.50 0.44
CA GLN A 251 -8.06 10.62 -0.85
C GLN A 251 -7.28 11.57 -1.76
N GLU A 252 -6.67 12.60 -1.18
CA GLU A 252 -5.87 13.54 -1.96
C GLU A 252 -4.61 12.85 -2.47
N PHE A 253 -3.97 12.05 -1.63
CA PHE A 253 -2.82 11.29 -2.09
C PHE A 253 -3.24 10.29 -3.16
N ASN A 254 -4.40 9.71 -2.95
CA ASN A 254 -4.87 8.64 -3.81
C ASN A 254 -5.03 9.08 -5.26
N LYS A 255 -5.52 10.29 -5.47
CA LYS A 255 -5.80 10.74 -6.83
C LYS A 255 -4.52 10.91 -7.64
N PHE A 256 -3.43 11.26 -6.97
CA PHE A 256 -2.12 11.36 -7.62
C PHE A 256 -1.52 9.98 -7.79
N ASP A 257 -1.80 9.10 -6.82
CA ASP A 257 -1.26 7.75 -6.83
C ASP A 257 -1.78 7.06 -8.08
N LEU A 258 -3.07 7.26 -8.33
CA LEU A 258 -3.77 6.55 -9.39
C LEU A 258 -3.63 7.23 -10.75
N TYR A 259 -3.93 8.53 -10.82
CA TYR A 259 -4.07 9.20 -12.12
C TYR A 259 -2.77 9.71 -12.76
N THR A 260 -1.64 9.61 -12.06
CA THR A 260 -0.36 9.95 -12.65
C THR A 260 0.24 8.77 -13.43
N LYS A 261 -0.43 7.62 -13.37
CA LYS A 261 0.05 6.44 -14.09
C LYS A 261 -0.05 6.62 -15.61
N CYS A 262 1.09 6.61 -16.28
CA CYS A 262 1.17 6.89 -17.71
C CYS A 262 2.39 6.21 -18.33
N PRO A 263 2.27 5.73 -19.57
CA PRO A 263 3.43 5.09 -20.21
C PRO A 263 4.63 6.03 -20.40
N ASP A 264 4.38 7.33 -20.57
CA ASP A 264 5.46 8.30 -20.69
C ASP A 264 6.25 8.41 -19.39
N LEU A 265 7.47 7.87 -19.39
CA LEU A 265 8.29 7.83 -18.19
C LEU A 265 9.03 9.15 -17.96
N PRO A 266 9.29 9.48 -16.69
CA PRO A 266 10.05 10.68 -16.33
C PRO A 266 11.57 10.51 -16.52
N ASP A 267 12.27 11.63 -16.61
CA ASP A 267 13.72 11.64 -16.67
C ASP A 267 14.27 11.47 -15.25
N VAL A 268 14.35 10.22 -14.82
CA VAL A 268 14.73 9.89 -13.44
C VAL A 268 16.07 10.50 -13.05
N GLU A 269 17.05 10.45 -13.95
CA GLU A 269 18.38 11.01 -13.67
C GLU A 269 18.29 12.50 -13.34
N SER A 270 17.46 13.22 -14.07
CA SER A 270 17.26 14.67 -13.84
C SER A 270 16.55 14.95 -12.52
N LEU A 271 15.65 14.06 -12.13
CA LEU A 271 14.83 14.29 -10.95
C LEU A 271 15.53 13.85 -9.67
N ARG A 272 16.47 12.92 -9.81
CA ARG A 272 17.09 12.29 -8.64
C ARG A 272 17.61 13.30 -7.61
N PRO A 273 18.37 14.32 -8.06
CA PRO A 273 18.94 15.29 -7.11
C PRO A 273 17.90 16.02 -6.27
N TYR A 274 16.78 16.43 -6.86
CA TYR A 274 15.71 17.08 -6.10
C TYR A 274 15.21 16.17 -4.99
N TYR A 275 14.91 14.93 -5.33
CA TYR A 275 14.34 14.00 -4.35
C TYR A 275 15.37 13.53 -3.34
N GLN A 276 16.64 13.52 -3.73
CA GLN A 276 17.72 13.19 -2.82
C GLN A 276 17.80 14.27 -1.75
N GLY A 277 17.56 15.52 -2.14
CA GLY A 277 17.48 16.62 -1.20
C GLY A 277 16.40 16.42 -0.14
N LEU A 278 15.22 15.97 -0.55
CA LEU A 278 14.14 15.68 0.39
C LEU A 278 14.46 14.46 1.27
N ILE A 279 15.11 13.47 0.68
CA ILE A 279 15.52 12.26 1.41
C ILE A 279 16.53 12.64 2.48
N ASP A 280 17.44 13.55 2.16
CA ASP A 280 18.46 13.98 3.10
C ASP A 280 17.86 14.68 4.30
N LYS A 281 16.69 15.28 4.09
CA LYS A 281 16.01 16.05 5.13
C LYS A 281 15.10 15.19 6.01
N TYR A 282 14.48 14.16 5.43
CA TYR A 282 13.43 13.40 6.12
C TYR A 282 13.79 11.96 6.48
N CYS A 283 14.74 11.37 5.77
CA CYS A 283 15.10 9.97 6.01
C CYS A 283 16.45 9.62 5.40
N PRO A 284 17.52 10.28 5.88
CA PRO A 284 18.84 10.22 5.23
C PRO A 284 19.60 8.91 5.48
N GLY A 285 20.66 8.70 4.69
CA GLY A 285 21.59 7.62 4.94
C GLY A 285 21.04 6.23 4.70
N THR A 286 21.78 5.24 5.19
CA THR A 286 21.37 3.86 5.04
C THR A 286 20.30 3.55 6.09
N LEU A 287 19.24 2.90 5.65
CA LEU A 287 18.11 2.60 6.51
C LEU A 287 17.99 1.10 6.64
N SER A 288 17.17 0.65 7.58
CA SER A 288 16.96 -0.77 7.81
C SER A 288 15.65 -1.26 7.20
N TRP A 289 15.74 -2.30 6.38
CA TRP A 289 14.59 -2.81 5.66
C TRP A 289 14.31 -4.24 6.08
FE FE B . 1.33 3.48 -5.90
FE FE C . 0.61 1.14 -3.37
O OH D . -0.37 2.86 -4.66
C1 INS E . -0.84 0.02 -5.50
C2 INS E . -1.05 -1.08 -6.54
C3 INS E . -2.51 -1.11 -6.99
C4 INS E . -3.39 -1.37 -5.78
C5 INS E . -3.20 -0.28 -4.74
C6 INS E . -1.76 -0.24 -4.29
O1 INS E . 0.51 0.02 -5.09
O2 INS E . -0.69 -2.36 -5.99
O3 INS E . -2.69 -2.15 -7.94
O4 INS E . -4.74 -1.34 -6.22
O5 INS E . -4.07 -0.54 -3.64
O6 INS E . -1.57 0.79 -3.30
C FMT F . -10.26 -13.11 6.35
O1 FMT F . -9.95 -12.97 7.54
O2 FMT F . -11.20 -12.50 5.84
H FMT F . -9.73 -13.83 5.72
#